data_1C5C
#
_entry.id   1C5C
#
_cell.length_a   39.217
_cell.length_b   43.932
_cell.length_c   221.205
_cell.angle_alpha   90.00
_cell.angle_beta   90.00
_cell.angle_gamma   90.00
#
_symmetry.space_group_name_H-M   'P 21 21 21'
#
loop_
_entity.id
_entity.type
_entity.pdbx_description
1 polymer 'CHIMERIC DECARBOXYLASE ANTIBODY 21D8'
2 polymer 'CHIMERIC DECARBOXYLASE ANTIBODY 21D8'
3 non-polymer '2-ACETYLAMINO-NAPTHALENE-1,5-DISULFONIC ACID'
4 non-polymer GLYCEROL
5 water water
#
loop_
_entity_poly.entity_id
_entity_poly.type
_entity_poly.pdbx_seq_one_letter_code
_entity_poly.pdbx_strand_id
1 'polypeptide(L)'
;EIQLTQSPSSLSASLGERVSLTCRTSQEISGYLSWLQQKPDGTIKRLIYDATKLDSGAPKRFSGSRSGSDYSLTISSLES
EDFADYYCLQYASFPRTFGGGTKLEIKRTVAAPSVFIFPPSDEQLKSGTASVVCLLNNFYPREAKVQWKVDNALQSGNSQ
ESVTEQDSKDSTYSLSSTLTLSKADYEKHKVYACEVTHQGLSSPVTKSFNRGEC
;
L
2 'polypeptide(L)'
;QVQLLEPGTELVKPGASVKLSCRASGYSFTSYWMHWVKQRPGQGLEWIGLIDPSNGRTNFNDKFKSRATLTVDTSSSTAY
MQLSSLTSEDSAVYYCVRIAYWGQGTLVTVSSASTKGPSVFPLAPSSKSTSGGTAALGCLVKDYFPEPVTVSWNSGALTS
GVHTFPAVLQSSGLYSLSSVVTVPSSSLGTQTYICNVNHKPSNTKVDKKVEPKSC
;
H
#
# COMPACT_ATOMS: atom_id res chain seq x y z
N GLU A 1 22.76 -5.10 -17.12
CA GLU A 1 22.54 -4.10 -16.08
C GLU A 1 22.97 -4.66 -14.73
N ILE A 2 23.66 -3.83 -13.98
CA ILE A 2 24.08 -4.27 -12.64
C ILE A 2 22.88 -4.40 -11.72
N GLN A 3 22.62 -5.61 -11.26
CA GLN A 3 21.63 -6.12 -10.35
C GLN A 3 22.15 -5.90 -8.92
N LEU A 4 21.27 -5.30 -8.14
CA LEU A 4 21.48 -5.17 -6.70
C LEU A 4 20.51 -6.12 -5.99
N THR A 5 21.09 -7.02 -5.22
CA THR A 5 20.32 -8.00 -4.48
C THR A 5 20.29 -7.63 -3.01
N GLN A 6 19.09 -7.27 -2.55
CA GLN A 6 18.94 -6.90 -1.15
C GLN A 6 18.41 -8.00 -0.26
N SER A 7 18.94 -8.03 0.98
CA SER A 7 18.49 -8.99 1.98
C SER A 7 18.68 -8.36 3.36
N PRO A 8 17.81 -8.68 4.30
CA PRO A 8 16.67 -9.57 4.06
C PRO A 8 15.51 -8.81 3.39
N SER A 9 14.55 -9.49 2.83
CA SER A 9 13.43 -8.83 2.18
C SER A 9 12.57 -8.10 3.21
N SER A 10 12.31 -8.82 4.31
CA SER A 10 11.66 -8.28 5.49
C SER A 10 12.43 -8.65 6.75
N LEU A 11 12.51 -7.67 7.64
CA LEU A 11 13.18 -7.84 8.91
C LEU A 11 12.30 -7.32 10.05
N SER A 12 12.16 -8.16 11.06
CA SER A 12 11.44 -7.80 12.27
C SER A 12 12.40 -7.52 13.41
N ALA A 13 12.27 -6.39 14.09
CA ALA A 13 13.24 -6.14 15.16
C ALA A 13 12.63 -5.29 16.26
N SER A 14 13.36 -5.17 17.36
CA SER A 14 12.84 -4.44 18.51
C SER A 14 13.48 -3.07 18.65
N LEU A 15 12.76 -2.16 19.32
CA LEU A 15 13.41 -0.92 19.66
C LEU A 15 14.72 -1.22 20.41
N GLY A 16 15.75 -0.50 20.01
CA GLY A 16 17.02 -0.58 20.70
C GLY A 16 17.99 -1.59 20.15
N GLU A 17 17.49 -2.51 19.33
CA GLU A 17 18.29 -3.56 18.73
C GLU A 17 19.19 -2.98 17.65
N ARG A 18 20.32 -3.63 17.43
CA ARG A 18 21.27 -3.37 16.37
C ARG A 18 20.89 -4.26 15.20
N VAL A 19 20.76 -3.68 14.02
CA VAL A 19 20.50 -4.48 12.83
C VAL A 19 21.34 -4.03 11.64
N SER A 20 21.51 -4.97 10.72
CA SER A 20 22.18 -4.70 9.47
C SER A 20 21.40 -5.28 8.28
N LEU A 21 21.35 -4.47 7.25
CA LEU A 21 20.74 -4.75 5.96
C LEU A 21 21.83 -4.93 4.90
N THR A 22 21.62 -5.90 4.01
CA THR A 22 22.67 -6.06 2.99
C THR A 22 22.18 -5.87 1.55
N CYS A 23 23.11 -5.34 0.77
CA CYS A 23 22.95 -5.11 -0.67
C CYS A 23 24.17 -5.68 -1.38
N ARG A 24 23.94 -6.63 -2.29
CA ARG A 24 25.03 -7.23 -3.05
C ARG A 24 24.92 -6.90 -4.55
N THR A 25 26.05 -6.54 -5.14
CA THR A 25 26.12 -6.15 -6.56
C THR A 25 26.62 -7.23 -7.52
N SER A 26 26.02 -7.30 -8.72
CA SER A 26 26.36 -8.33 -9.67
C SER A 26 27.74 -8.14 -10.31
N GLN A 27 28.22 -6.91 -10.34
CA GLN A 27 29.52 -6.47 -10.79
C GLN A 27 30.10 -5.44 -9.81
N GLU A 28 31.37 -5.08 -10.03
CA GLU A 28 32.06 -4.14 -9.16
C GLU A 28 31.53 -2.72 -9.32
N ILE A 29 31.16 -2.06 -8.21
CA ILE A 29 30.70 -0.68 -8.32
C ILE A 29 31.59 0.30 -7.55
N SER A 30 32.69 -0.17 -6.98
CA SER A 30 33.66 0.66 -6.29
C SER A 30 33.08 1.64 -5.28
N GLY A 31 32.16 1.27 -4.38
CA GLY A 31 31.74 2.28 -3.42
C GLY A 31 30.67 3.24 -3.90
N TYR A 32 30.24 3.19 -5.16
CA TYR A 32 29.24 4.15 -5.64
C TYR A 32 27.82 3.67 -5.35
N LEU A 33 27.44 3.78 -4.07
CA LEU A 33 26.18 3.25 -3.61
C LEU A 33 25.62 4.10 -2.49
N SER A 34 24.32 4.31 -2.50
CA SER A 34 23.70 4.99 -1.40
C SER A 34 22.59 4.10 -0.84
N TRP A 35 22.24 4.43 0.41
CA TRP A 35 21.14 3.82 1.14
C TRP A 35 20.02 4.85 1.34
N LEU A 36 18.82 4.48 0.90
CA LEU A 36 17.66 5.35 0.93
C LEU A 36 16.60 4.82 1.87
N GLN A 37 15.90 5.73 2.56
CA GLN A 37 14.82 5.29 3.42
C GLN A 37 13.49 5.84 2.92
N GLN A 38 12.50 4.95 2.83
CA GLN A 38 11.18 5.44 2.47
C GLN A 38 10.22 5.22 3.65
N LYS A 39 9.70 6.33 4.13
CA LYS A 39 8.76 6.42 5.21
C LYS A 39 7.44 5.77 4.85
N PRO A 40 6.69 5.36 5.87
CA PRO A 40 5.33 4.84 5.61
C PRO A 40 4.45 5.88 4.91
N ASP A 41 4.80 7.17 4.90
CA ASP A 41 4.06 8.17 4.13
C ASP A 41 4.59 8.35 2.71
N GLY A 42 5.64 7.64 2.29
CA GLY A 42 6.07 7.64 0.91
C GLY A 42 7.33 8.47 0.65
N THR A 43 7.66 9.34 1.59
CA THR A 43 8.75 10.28 1.43
C THR A 43 10.08 9.53 1.45
N ILE A 44 11.00 9.96 0.60
CA ILE A 44 12.26 9.22 0.49
C ILE A 44 13.41 10.10 0.94
N LYS A 45 14.30 9.48 1.74
CA LYS A 45 15.42 10.23 2.31
C LYS A 45 16.68 9.37 2.16
N ARG A 46 17.75 10.07 1.79
CA ARG A 46 19.07 9.47 1.76
C ARG A 46 19.72 9.41 3.14
N LEU A 47 20.24 8.25 3.54
CA LEU A 47 20.92 8.10 4.83
C LEU A 47 22.43 7.99 4.69
N ILE A 48 22.84 7.28 3.65
CA ILE A 48 24.26 7.04 3.39
C ILE A 48 24.59 7.21 1.93
N TYR A 49 25.76 7.80 1.68
CA TYR A 49 26.22 7.86 0.29
C TYR A 49 27.67 7.40 0.22
N ASP A 50 28.13 7.14 -1.00
CA ASP A 50 29.48 6.63 -1.22
C ASP A 50 29.79 5.45 -0.32
N ALA A 51 28.83 4.55 -0.17
CA ALA A 51 28.85 3.34 0.61
C ALA A 51 28.99 3.50 2.12
N THR A 52 29.73 4.53 2.55
CA THR A 52 30.03 4.60 3.98
C THR A 52 29.94 6.00 4.56
N LYS A 53 29.48 6.99 3.83
CA LYS A 53 29.44 8.36 4.32
C LYS A 53 28.01 8.75 4.73
N LEU A 54 27.92 9.38 5.90
CA LEU A 54 26.65 9.75 6.50
C LEU A 54 26.07 11.02 5.88
N ASP A 55 24.80 10.92 5.45
CA ASP A 55 24.12 12.08 4.88
C ASP A 55 24.00 13.14 5.97
N SER A 56 24.16 14.40 5.55
CA SER A 56 24.25 15.47 6.54
C SER A 56 22.97 15.51 7.37
N GLY A 57 21.87 15.11 6.76
CA GLY A 57 20.58 15.07 7.39
C GLY A 57 20.20 13.79 8.09
N ALA A 58 21.10 12.82 8.24
CA ALA A 58 20.72 11.56 8.87
C ALA A 58 21.38 11.40 10.23
N PRO A 59 20.69 10.75 11.17
CA PRO A 59 21.23 10.61 12.53
C PRO A 59 22.38 9.60 12.55
N LYS A 60 23.20 9.74 13.60
CA LYS A 60 24.46 9.02 13.64
C LYS A 60 24.31 7.53 13.88
N ARG A 61 23.15 7.03 14.25
CA ARG A 61 22.96 5.61 14.47
C ARG A 61 23.05 4.78 13.19
N PHE A 62 23.02 5.45 12.05
CA PHE A 62 23.15 4.83 10.74
C PHE A 62 24.62 4.85 10.33
N SER A 63 25.13 3.67 9.98
CA SER A 63 26.48 3.51 9.43
C SER A 63 26.44 2.65 8.17
N GLY A 64 27.42 2.84 7.29
CA GLY A 64 27.54 2.05 6.09
C GLY A 64 28.93 1.40 6.02
N SER A 65 28.95 0.18 5.52
CA SER A 65 30.23 -0.49 5.33
C SER A 65 30.20 -1.33 4.06
N ARG A 66 31.37 -1.81 3.66
CA ARG A 66 31.34 -2.72 2.51
C ARG A 66 32.67 -3.45 2.37
N SER A 67 32.60 -4.54 1.65
CA SER A 67 33.75 -5.36 1.28
C SER A 67 33.42 -6.03 -0.05
N GLY A 68 34.16 -5.61 -1.07
CA GLY A 68 33.91 -6.04 -2.43
C GLY A 68 32.48 -5.71 -2.84
N SER A 69 31.73 -6.76 -3.14
CA SER A 69 30.38 -6.63 -3.69
C SER A 69 29.31 -6.70 -2.59
N ASP A 70 29.71 -6.69 -1.33
CA ASP A 70 28.82 -6.75 -0.18
C ASP A 70 28.78 -5.40 0.52
N TYR A 71 27.61 -4.77 0.53
CA TYR A 71 27.38 -3.47 1.14
C TYR A 71 26.35 -3.64 2.24
N SER A 72 26.69 -3.10 3.40
CA SER A 72 25.79 -3.21 4.54
C SER A 72 25.44 -1.85 5.12
N LEU A 73 24.16 -1.75 5.50
CA LEU A 73 23.61 -0.65 6.25
C LEU A 73 23.37 -1.11 7.69
N THR A 74 24.00 -0.47 8.67
CA THR A 74 23.80 -0.77 10.07
C THR A 74 23.14 0.38 10.83
N ILE A 75 22.16 0.00 11.65
CA ILE A 75 21.43 0.81 12.61
C ILE A 75 21.87 0.38 14.00
N SER A 76 22.56 1.25 14.71
CA SER A 76 23.19 0.86 15.96
C SER A 76 22.19 0.53 17.06
N SER A 77 21.14 1.33 17.12
CA SER A 77 20.10 1.12 18.12
C SER A 77 18.80 1.69 17.56
N LEU A 78 17.91 0.78 17.22
CA LEU A 78 16.67 1.07 16.51
C LEU A 78 15.75 1.99 17.31
N GLU A 79 15.25 3.00 16.62
CA GLU A 79 14.22 3.88 17.17
C GLU A 79 12.93 3.78 16.38
N SER A 80 11.84 4.31 16.91
CA SER A 80 10.55 4.13 16.26
C SER A 80 10.51 4.69 14.83
N GLU A 81 11.21 5.77 14.56
CA GLU A 81 11.29 6.44 13.27
C GLU A 81 11.91 5.57 12.18
N ASP A 82 12.62 4.55 12.58
CA ASP A 82 13.42 3.70 11.71
C ASP A 82 12.65 2.56 11.09
N PHE A 83 11.48 2.24 11.65
CA PHE A 83 10.68 1.18 11.01
C PHE A 83 10.09 1.76 9.74
N ALA A 84 10.59 1.26 8.62
CA ALA A 84 10.37 1.85 7.31
C ALA A 84 10.91 0.92 6.24
N ASP A 85 10.91 1.36 4.98
CA ASP A 85 11.48 0.53 3.92
C ASP A 85 12.83 1.09 3.55
N TYR A 86 13.76 0.23 3.13
CA TYR A 86 15.08 0.69 2.75
C TYR A 86 15.49 0.15 1.38
N TYR A 87 16.16 1.00 0.61
CA TYR A 87 16.58 0.65 -0.75
C TYR A 87 18.05 1.02 -0.94
N CYS A 88 18.82 0.22 -1.64
CA CYS A 88 20.14 0.66 -2.10
C CYS A 88 20.00 1.13 -3.55
N LEU A 89 20.86 2.04 -3.98
CA LEU A 89 20.97 2.59 -5.32
C LEU A 89 22.45 2.61 -5.74
N GLN A 90 22.75 2.13 -6.94
CA GLN A 90 24.14 2.23 -7.39
C GLN A 90 24.26 3.39 -8.39
N TYR A 91 25.38 4.07 -8.40
CA TYR A 91 25.60 5.06 -9.43
C TYR A 91 27.01 4.90 -10.03
N ALA A 92 27.41 3.66 -10.28
CA ALA A 92 28.66 3.35 -10.96
C ALA A 92 28.44 3.11 -12.46
N SER A 93 27.24 2.70 -12.81
CA SER A 93 26.87 2.20 -14.12
C SER A 93 25.50 2.67 -14.58
N PHE A 94 25.35 2.75 -15.90
CA PHE A 94 24.07 2.92 -16.55
C PHE A 94 23.49 1.61 -17.11
N PRO A 95 22.20 1.33 -16.92
CA PRO A 95 21.29 2.24 -16.20
C PRO A 95 21.46 2.23 -14.69
N ARG A 96 21.10 3.36 -14.09
CA ARG A 96 21.04 3.35 -12.62
C ARG A 96 20.08 2.25 -12.19
N THR A 97 20.37 1.59 -11.07
CA THR A 97 19.54 0.48 -10.63
C THR A 97 19.44 0.49 -9.10
N PHE A 98 18.36 -0.11 -8.61
CA PHE A 98 18.05 -0.20 -7.19
C PHE A 98 17.98 -1.64 -6.71
N GLY A 99 18.24 -1.84 -5.42
CA GLY A 99 17.90 -3.08 -4.75
C GLY A 99 16.37 -3.21 -4.64
N GLY A 100 15.88 -4.42 -4.39
CA GLY A 100 14.46 -4.73 -4.31
C GLY A 100 13.80 -4.25 -3.03
N GLY A 101 14.59 -3.77 -2.09
CA GLY A 101 14.06 -3.23 -0.85
C GLY A 101 14.07 -4.20 0.33
N THR A 102 14.16 -3.60 1.51
CA THR A 102 13.95 -4.34 2.74
C THR A 102 12.92 -3.62 3.61
N LYS A 103 11.93 -4.39 4.07
CA LYS A 103 10.91 -3.87 4.98
C LYS A 103 11.25 -4.21 6.44
N LEU A 104 11.40 -3.18 7.23
CA LEU A 104 11.77 -3.27 8.64
C LEU A 104 10.54 -2.98 9.49
N GLU A 105 10.03 -3.94 10.24
CA GLU A 105 8.80 -3.80 11.01
C GLU A 105 9.13 -4.11 12.47
N ILE A 106 8.23 -3.70 13.35
CA ILE A 106 8.50 -3.86 14.78
C ILE A 106 8.10 -5.25 15.22
N LYS A 107 9.04 -5.94 15.86
CA LYS A 107 8.86 -7.26 16.41
C LYS A 107 8.04 -7.19 17.69
N ARG A 108 7.10 -8.12 17.81
CA ARG A 108 6.30 -8.31 19.03
C ARG A 108 5.96 -9.78 19.15
N THR A 109 5.27 -10.13 20.24
CA THR A 109 4.92 -11.53 20.35
C THR A 109 3.76 -11.90 19.41
N VAL A 110 3.65 -13.19 19.18
CA VAL A 110 2.59 -13.76 18.36
C VAL A 110 1.24 -13.49 19.00
N ALA A 111 0.29 -13.06 18.16
CA ALA A 111 -1.10 -12.84 18.56
C ALA A 111 -2.00 -13.46 17.50
N ALA A 112 -2.84 -14.39 17.91
CA ALA A 112 -3.76 -15.02 16.97
C ALA A 112 -4.86 -14.05 16.56
N PRO A 113 -5.31 -14.15 15.30
CA PRO A 113 -6.38 -13.22 14.93
C PRO A 113 -7.71 -13.65 15.54
N SER A 114 -8.56 -12.68 15.75
CA SER A 114 -10.00 -12.85 15.96
C SER A 114 -10.67 -12.91 14.57
N VAL A 115 -11.52 -13.90 14.30
CA VAL A 115 -12.05 -14.08 12.94
C VAL A 115 -13.55 -13.91 12.94
N PHE A 116 -14.04 -13.11 12.01
CA PHE A 116 -15.44 -12.80 11.81
C PHE A 116 -15.86 -12.97 10.36
N ILE A 117 -17.05 -13.52 10.13
CA ILE A 117 -17.50 -13.63 8.75
C ILE A 117 -18.81 -12.86 8.59
N PHE A 118 -18.97 -12.21 7.45
CA PHE A 118 -20.11 -11.37 7.14
C PHE A 118 -20.79 -11.82 5.85
N PRO A 119 -22.04 -12.22 5.87
CA PRO A 119 -22.76 -12.52 4.63
C PRO A 119 -23.05 -11.27 3.81
N PRO A 120 -23.45 -11.49 2.56
CA PRO A 120 -23.89 -10.33 1.77
C PRO A 120 -25.07 -9.66 2.46
N SER A 121 -25.16 -8.33 2.35
CA SER A 121 -26.31 -7.59 2.80
C SER A 121 -27.48 -7.85 1.85
N ASP A 122 -28.66 -7.76 2.45
CA ASP A 122 -29.86 -7.81 1.59
C ASP A 122 -29.83 -6.72 0.53
N GLU A 123 -29.33 -5.54 0.88
CA GLU A 123 -29.33 -4.40 -0.02
C GLU A 123 -28.53 -4.73 -1.27
N GLN A 124 -27.34 -5.30 -1.06
CA GLN A 124 -26.53 -5.67 -2.23
C GLN A 124 -27.18 -6.77 -3.06
N LEU A 125 -27.77 -7.75 -2.38
CA LEU A 125 -28.30 -8.91 -3.10
C LEU A 125 -29.40 -8.48 -4.05
N LYS A 126 -30.11 -7.42 -3.67
CA LYS A 126 -31.18 -6.94 -4.52
C LYS A 126 -30.66 -6.62 -5.92
N SER A 127 -29.41 -6.16 -6.00
CA SER A 127 -28.91 -5.74 -7.30
C SER A 127 -28.01 -6.72 -8.01
N GLY A 128 -27.99 -8.02 -7.70
CA GLY A 128 -27.25 -8.87 -8.61
C GLY A 128 -25.88 -9.37 -8.20
N THR A 129 -25.27 -8.83 -7.15
CA THR A 129 -23.92 -9.33 -6.87
C THR A 129 -23.85 -9.68 -5.39
N ALA A 130 -23.04 -10.68 -5.03
CA ALA A 130 -22.89 -11.00 -3.63
C ALA A 130 -21.44 -10.95 -3.18
N SER A 131 -21.25 -10.15 -2.12
CA SER A 131 -19.93 -10.06 -1.51
C SER A 131 -19.92 -10.64 -0.11
N VAL A 132 -19.02 -11.58 0.14
CA VAL A 132 -18.85 -12.18 1.45
C VAL A 132 -17.53 -11.70 2.04
N VAL A 133 -17.50 -11.26 3.29
CA VAL A 133 -16.31 -10.63 3.86
C VAL A 133 -15.83 -11.43 5.06
N CYS A 134 -14.53 -11.70 5.14
CA CYS A 134 -13.92 -12.36 6.29
C CYS A 134 -12.93 -11.38 6.88
N LEU A 135 -13.02 -11.15 8.18
CA LEU A 135 -12.17 -10.22 8.90
C LEU A 135 -11.23 -10.98 9.85
N LEU A 136 -9.96 -10.71 9.74
CA LEU A 136 -8.93 -11.17 10.67
C LEU A 136 -8.44 -9.99 11.49
N ASN A 137 -8.74 -9.96 12.79
CA ASN A 137 -8.49 -8.77 13.59
C ASN A 137 -7.33 -8.89 14.58
N ASN A 138 -6.43 -7.91 14.54
CA ASN A 138 -5.35 -7.66 15.49
C ASN A 138 -4.49 -8.88 15.77
N PHE A 139 -3.76 -9.26 14.72
CA PHE A 139 -2.86 -10.38 14.77
C PHE A 139 -1.40 -9.97 14.49
N TYR A 140 -0.50 -10.86 14.88
CA TYR A 140 0.93 -10.74 14.68
C TYR A 140 1.51 -12.15 14.61
N PRO A 141 2.37 -12.45 13.65
CA PRO A 141 2.88 -11.54 12.64
C PRO A 141 1.93 -11.38 11.46
N ARG A 142 2.37 -10.63 10.46
CA ARG A 142 1.50 -10.20 9.37
C ARG A 142 1.11 -11.35 8.48
N GLU A 143 1.95 -12.38 8.41
CA GLU A 143 1.61 -13.50 7.54
C GLU A 143 0.36 -14.22 8.04
N ALA A 144 -0.59 -14.39 7.12
CA ALA A 144 -1.85 -15.06 7.46
C ALA A 144 -2.41 -15.69 6.21
N LYS A 145 -3.11 -16.81 6.35
CA LYS A 145 -3.64 -17.49 5.18
C LYS A 145 -5.14 -17.70 5.32
N VAL A 146 -5.86 -17.11 4.36
CA VAL A 146 -7.32 -17.17 4.31
C VAL A 146 -7.76 -18.03 3.14
N GLN A 147 -8.59 -19.05 3.34
CA GLN A 147 -9.18 -19.84 2.28
C GLN A 147 -10.70 -19.72 2.37
N TRP A 148 -11.33 -19.54 1.21
CA TRP A 148 -12.78 -19.52 1.14
C TRP A 148 -13.32 -20.85 0.63
N LYS A 149 -14.40 -21.27 1.25
CA LYS A 149 -15.05 -22.49 0.76
C LYS A 149 -16.55 -22.26 0.66
N VAL A 150 -17.10 -22.90 -0.36
CA VAL A 150 -18.52 -22.80 -0.62
C VAL A 150 -19.02 -24.25 -0.75
N ASP A 151 -19.89 -24.64 0.16
CA ASP A 151 -20.33 -26.03 0.27
C ASP A 151 -19.13 -26.96 0.26
N ASN A 152 -18.10 -26.58 1.01
CA ASN A 152 -16.87 -27.31 1.28
C ASN A 152 -15.96 -27.41 0.06
N ALA A 153 -16.34 -26.72 -1.01
CA ALA A 153 -15.53 -26.60 -2.22
C ALA A 153 -14.52 -25.47 -2.10
N LEU A 154 -13.24 -25.73 -2.14
CA LEU A 154 -12.22 -24.70 -2.01
C LEU A 154 -12.25 -23.70 -3.16
N GLN A 155 -12.29 -22.41 -2.83
CA GLN A 155 -12.39 -21.41 -3.89
C GLN A 155 -11.02 -20.87 -4.28
N SER A 156 -10.91 -20.49 -5.55
CA SER A 156 -9.69 -19.95 -6.11
C SER A 156 -9.94 -18.83 -7.11
N GLY A 157 -9.32 -17.69 -6.87
CA GLY A 157 -9.23 -16.58 -7.78
C GLY A 157 -10.39 -15.61 -7.74
N ASN A 158 -11.34 -15.81 -6.82
CA ASN A 158 -12.50 -14.95 -6.76
C ASN A 158 -12.53 -14.18 -5.45
N SER A 159 -11.37 -14.03 -4.83
CA SER A 159 -11.30 -13.23 -3.61
C SER A 159 -10.15 -12.22 -3.74
N GLN A 160 -10.28 -11.12 -3.03
CA GLN A 160 -9.23 -10.13 -2.86
C GLN A 160 -9.10 -9.75 -1.38
N GLU A 161 -7.89 -9.41 -0.98
CA GLU A 161 -7.67 -9.06 0.41
C GLU A 161 -6.77 -7.82 0.51
N SER A 162 -6.86 -7.17 1.65
CA SER A 162 -5.87 -6.15 1.99
C SER A 162 -5.63 -6.16 3.49
N VAL A 163 -4.51 -5.54 3.84
CA VAL A 163 -3.94 -5.58 5.18
C VAL A 163 -3.65 -4.16 5.63
N THR A 164 -3.95 -3.87 6.90
CA THR A 164 -3.64 -2.57 7.43
C THR A 164 -2.14 -2.43 7.72
N GLU A 165 -1.74 -1.18 7.93
CA GLU A 165 -0.42 -0.86 8.42
C GLU A 165 -0.29 -1.33 9.85
N GLN A 166 0.94 -1.59 10.30
CA GLN A 166 1.15 -2.07 11.65
C GLN A 166 0.61 -1.03 12.63
N ASP A 167 -0.20 -1.51 13.57
CA ASP A 167 -0.86 -0.64 14.52
C ASP A 167 0.15 0.11 15.39
N SER A 168 -0.05 1.41 15.56
CA SER A 168 0.84 2.25 16.33
C SER A 168 0.82 1.97 17.82
N LYS A 169 -0.29 1.48 18.35
CA LYS A 169 -0.39 1.19 19.78
C LYS A 169 -0.03 -0.26 20.10
N ASP A 170 -0.47 -1.22 19.30
CA ASP A 170 -0.23 -2.61 19.70
C ASP A 170 0.58 -3.43 18.72
N SER A 171 1.08 -2.83 17.65
CA SER A 171 1.97 -3.42 16.68
C SER A 171 1.35 -4.61 15.93
N THR A 172 0.04 -4.76 15.93
CA THR A 172 -0.62 -5.84 15.20
C THR A 172 -1.03 -5.36 13.81
N TYR A 173 -1.51 -6.30 13.02
CA TYR A 173 -2.09 -6.16 11.71
C TYR A 173 -3.52 -6.69 11.71
N SER A 174 -4.34 -6.19 10.78
CA SER A 174 -5.67 -6.76 10.53
C SER A 174 -5.79 -6.91 9.03
N LEU A 175 -6.67 -7.84 8.62
CA LEU A 175 -6.83 -8.24 7.23
C LEU A 175 -8.31 -8.39 6.88
N SER A 176 -8.68 -7.90 5.71
CA SER A 176 -10.01 -8.07 5.17
C SER A 176 -9.93 -8.81 3.85
N SER A 177 -10.75 -9.85 3.72
CA SER A 177 -10.88 -10.60 2.47
C SER A 177 -12.33 -10.64 2.00
N THR A 178 -12.49 -10.32 0.72
CA THR A 178 -13.79 -10.32 0.08
C THR A 178 -13.85 -11.39 -1.03
N LEU A 179 -14.87 -12.24 -0.89
CA LEU A 179 -15.27 -13.26 -1.84
C LEU A 179 -16.41 -12.68 -2.68
N THR A 180 -16.21 -12.62 -4.00
CA THR A 180 -17.23 -12.10 -4.88
C THR A 180 -17.83 -13.19 -5.78
N LEU A 181 -19.12 -13.37 -5.63
CA LEU A 181 -19.87 -14.26 -6.48
C LEU A 181 -21.03 -13.53 -7.16
N SER A 182 -21.50 -14.03 -8.32
CA SER A 182 -22.73 -13.38 -8.75
C SER A 182 -23.86 -13.84 -7.84
N LYS A 183 -24.94 -13.06 -7.75
CA LYS A 183 -26.07 -13.49 -6.93
C LYS A 183 -26.57 -14.87 -7.31
N ALA A 184 -26.55 -15.18 -8.61
CA ALA A 184 -27.10 -16.46 -9.07
C ALA A 184 -26.35 -17.62 -8.45
N ASP A 185 -25.04 -17.58 -8.49
CA ASP A 185 -24.13 -18.52 -7.88
C ASP A 185 -24.35 -18.54 -6.36
N TYR A 186 -24.40 -17.35 -5.77
CA TYR A 186 -24.54 -17.31 -4.30
C TYR A 186 -25.79 -18.08 -3.86
N GLU A 187 -26.93 -17.85 -4.52
CA GLU A 187 -28.17 -18.54 -4.17
C GLU A 187 -28.21 -20.01 -4.56
N LYS A 188 -27.26 -20.58 -5.28
CA LYS A 188 -27.19 -21.98 -5.61
C LYS A 188 -26.41 -22.81 -4.61
N HIS A 189 -25.89 -22.18 -3.57
CA HIS A 189 -25.08 -22.88 -2.56
C HIS A 189 -25.49 -22.48 -1.16
N LYS A 190 -25.20 -23.32 -0.17
CA LYS A 190 -25.66 -23.12 1.20
C LYS A 190 -24.60 -22.67 2.19
N VAL A 191 -23.51 -23.42 2.29
CA VAL A 191 -22.55 -23.16 3.35
C VAL A 191 -21.34 -22.35 2.91
N TYR A 192 -21.17 -21.16 3.49
CA TYR A 192 -20.08 -20.25 3.17
C TYR A 192 -19.09 -20.21 4.31
N ALA A 193 -17.81 -20.50 4.02
CA ALA A 193 -16.86 -20.50 5.10
C ALA A 193 -15.52 -19.85 4.75
N CYS A 194 -14.86 -19.30 5.76
CA CYS A 194 -13.50 -18.79 5.65
C CYS A 194 -12.66 -19.54 6.68
N GLU A 195 -11.58 -20.14 6.18
CA GLU A 195 -10.66 -20.95 6.97
C GLU A 195 -9.32 -20.24 7.08
N VAL A 196 -8.90 -19.98 8.33
CA VAL A 196 -7.73 -19.19 8.61
C VAL A 196 -6.62 -20.02 9.27
N THR A 197 -5.40 -19.86 8.78
CA THR A 197 -4.22 -20.38 9.48
C THR A 197 -3.28 -19.23 9.78
N HIS A 198 -2.53 -19.33 10.87
CA HIS A 198 -1.68 -18.27 11.39
C HIS A 198 -0.80 -18.90 12.46
N GLN A 199 0.41 -18.41 12.63
CA GLN A 199 1.37 -18.92 13.61
C GLN A 199 0.78 -19.11 14.99
N GLY A 200 -0.18 -18.29 15.36
CA GLY A 200 -0.85 -18.10 16.62
C GLY A 200 -2.00 -19.04 16.87
N LEU A 201 -2.43 -19.73 15.82
CA LEU A 201 -3.48 -20.73 15.82
C LEU A 201 -2.93 -22.14 15.76
N SER A 202 -3.20 -22.91 16.82
CA SER A 202 -2.62 -24.25 16.82
C SER A 202 -3.31 -25.18 15.83
N SER A 203 -4.49 -24.80 15.37
CA SER A 203 -5.27 -25.52 14.38
C SER A 203 -6.08 -24.48 13.59
N PRO A 204 -6.49 -24.80 12.37
CA PRO A 204 -7.21 -23.80 11.56
C PRO A 204 -8.52 -23.41 12.24
N VAL A 205 -8.87 -22.15 12.03
CA VAL A 205 -10.10 -21.57 12.51
C VAL A 205 -11.00 -21.34 11.30
N THR A 206 -12.20 -21.88 11.35
CA THR A 206 -13.20 -21.74 10.29
C THR A 206 -14.41 -21.02 10.88
N LYS A 207 -14.79 -19.94 10.22
CA LYS A 207 -16.04 -19.23 10.51
C LYS A 207 -16.95 -19.44 9.31
N SER A 208 -18.23 -19.72 9.55
CA SER A 208 -19.12 -20.07 8.46
C SER A 208 -20.56 -19.71 8.81
N PHE A 209 -21.37 -19.62 7.76
CA PHE A 209 -22.80 -19.41 7.91
C PHE A 209 -23.55 -20.19 6.84
N ASN A 210 -24.85 -20.40 7.03
CA ASN A 210 -25.68 -20.92 5.94
C ASN A 210 -26.49 -19.78 5.32
N ARG A 211 -26.46 -19.73 3.99
CA ARG A 211 -27.17 -18.66 3.30
C ARG A 211 -28.65 -18.64 3.67
N GLY A 212 -29.17 -17.44 3.88
CA GLY A 212 -30.56 -17.13 4.12
C GLY A 212 -31.08 -17.50 5.49
N GLU A 213 -30.21 -17.63 6.48
CA GLU A 213 -30.61 -18.15 7.78
C GLU A 213 -30.01 -17.37 8.94
N CYS A 214 -30.87 -16.66 9.68
CA CYS A 214 -30.41 -15.90 10.83
C CYS A 214 -30.61 -16.71 12.11
N GLN B 1 16.59 24.08 1.77
CA GLN B 1 16.65 25.10 0.73
C GLN B 1 16.50 24.46 -0.65
N VAL B 2 17.15 23.33 -0.91
CA VAL B 2 16.89 22.64 -2.18
C VAL B 2 15.53 21.95 -2.12
N GLN B 3 14.75 22.20 -3.14
CA GLN B 3 13.37 21.78 -3.24
C GLN B 3 13.03 21.37 -4.66
N LEU B 4 12.18 20.35 -4.72
CA LEU B 4 11.67 19.80 -5.96
C LEU B 4 10.13 19.71 -5.87
N LEU B 5 9.43 20.38 -6.76
CA LEU B 5 7.97 20.51 -6.74
C LEU B 5 7.29 19.82 -7.89
N GLU B 6 6.45 18.84 -7.52
CA GLU B 6 5.72 18.04 -8.47
C GLU B 6 4.20 18.20 -8.31
N PRO B 7 3.45 17.90 -9.36
CA PRO B 7 1.99 17.93 -9.25
C PRO B 7 1.49 16.83 -8.32
N GLY B 8 0.20 16.89 -7.99
CA GLY B 8 -0.24 15.91 -7.01
C GLY B 8 -0.64 14.56 -7.58
N THR B 9 -1.81 14.47 -8.20
CA THR B 9 -2.29 13.19 -8.71
C THR B 9 -2.89 13.38 -10.10
N GLU B 10 -2.77 12.38 -10.96
CA GLU B 10 -3.30 12.49 -12.31
C GLU B 10 -3.94 11.19 -12.78
N LEU B 11 -5.12 11.34 -13.40
CA LEU B 11 -5.84 10.25 -14.01
C LEU B 11 -5.64 10.29 -15.52
N VAL B 12 -5.33 9.20 -16.16
CA VAL B 12 -5.10 9.18 -17.58
C VAL B 12 -5.71 7.90 -18.16
N LYS B 13 -6.19 8.04 -19.40
CA LYS B 13 -6.80 6.91 -20.07
C LYS B 13 -5.76 6.05 -20.76
N PRO B 14 -5.98 4.74 -20.85
CA PRO B 14 -5.07 3.87 -21.61
C PRO B 14 -4.89 4.35 -23.04
N GLY B 15 -3.66 4.25 -23.52
CA GLY B 15 -3.25 4.67 -24.85
C GLY B 15 -2.93 6.16 -24.93
N ALA B 16 -3.25 6.91 -23.87
CA ALA B 16 -2.97 8.32 -23.77
C ALA B 16 -1.56 8.52 -23.22
N SER B 17 -1.18 9.78 -23.05
CA SER B 17 0.13 10.14 -22.54
C SER B 17 -0.04 11.04 -21.31
N VAL B 18 1.05 11.14 -20.56
CA VAL B 18 1.08 11.98 -19.37
C VAL B 18 2.39 12.77 -19.46
N LYS B 19 2.30 14.04 -19.10
CA LYS B 19 3.49 14.88 -19.01
C LYS B 19 3.56 15.47 -17.61
N LEU B 20 4.58 15.02 -16.86
CA LEU B 20 4.77 15.42 -15.48
C LEU B 20 5.81 16.53 -15.31
N SER B 21 5.61 17.48 -14.41
CA SER B 21 6.57 18.56 -14.25
C SER B 21 7.34 18.41 -12.93
N CYS B 22 8.53 18.97 -12.86
CA CYS B 22 9.32 19.00 -11.63
C CYS B 22 10.00 20.35 -11.54
N ARG B 23 9.49 21.23 -10.68
CA ARG B 23 10.06 22.57 -10.59
C ARG B 23 11.10 22.58 -9.48
N ALA B 24 12.30 22.97 -9.87
CA ALA B 24 13.46 22.94 -9.00
C ALA B 24 13.72 24.33 -8.44
N SER B 25 14.23 24.35 -7.23
CA SER B 25 14.67 25.60 -6.63
C SER B 25 15.72 25.35 -5.57
N GLY B 26 16.45 26.42 -5.22
CA GLY B 26 17.41 26.46 -4.16
C GLY B 26 18.83 26.08 -4.55
N TYR B 27 19.11 25.90 -5.83
CA TYR B 27 20.39 25.52 -6.38
C TYR B 27 20.45 25.85 -7.87
N SER B 28 21.62 25.74 -8.50
CA SER B 28 21.71 26.05 -9.92
C SER B 28 21.19 24.88 -10.76
N PHE B 29 20.07 25.11 -11.42
CA PHE B 29 19.38 24.03 -12.12
C PHE B 29 20.25 23.25 -13.10
N THR B 30 21.15 23.94 -13.80
CA THR B 30 21.89 23.25 -14.85
C THR B 30 23.06 22.45 -14.30
N SER B 31 23.33 22.62 -13.01
CA SER B 31 24.44 22.00 -12.32
C SER B 31 24.24 20.56 -11.87
N TYR B 32 23.04 20.00 -11.89
CA TYR B 32 22.78 18.63 -11.46
C TYR B 32 21.85 17.90 -12.43
N TRP B 33 22.20 16.67 -12.77
CA TRP B 33 21.32 15.81 -13.55
C TRP B 33 19.96 15.63 -12.87
N MET B 34 18.88 15.62 -13.64
CA MET B 34 17.53 15.38 -13.10
C MET B 34 17.07 14.00 -13.57
N HIS B 35 16.78 13.14 -12.59
CA HIS B 35 16.39 11.76 -12.84
C HIS B 35 14.90 11.57 -12.59
N TRP B 36 14.33 10.54 -13.22
CA TRP B 36 12.94 10.15 -12.94
C TRP B 36 12.92 8.68 -12.50
N VAL B 37 12.12 8.39 -11.49
CA VAL B 37 11.99 7.10 -10.84
C VAL B 37 10.52 6.75 -10.72
N LYS B 38 10.19 5.50 -10.94
CA LYS B 38 8.85 4.96 -10.90
C LYS B 38 8.72 3.94 -9.79
N GLN B 39 7.57 3.95 -9.15
CA GLN B 39 7.18 3.02 -8.11
C GLN B 39 5.71 2.64 -8.21
N ARG B 40 5.52 1.40 -8.64
CA ARG B 40 4.20 0.81 -8.72
C ARG B 40 3.72 0.60 -7.29
N PRO B 41 2.42 0.68 -7.07
CA PRO B 41 1.90 0.49 -5.71
C PRO B 41 2.30 -0.85 -5.09
N GLY B 42 2.92 -0.77 -3.92
CA GLY B 42 3.47 -1.82 -3.10
C GLY B 42 4.70 -2.47 -3.66
N GLN B 43 5.28 -1.83 -4.67
CA GLN B 43 6.44 -2.40 -5.35
C GLN B 43 7.66 -1.55 -5.08
N GLY B 44 8.82 -1.87 -5.62
CA GLY B 44 10.02 -1.12 -5.37
C GLY B 44 10.28 0.00 -6.37
N LEU B 45 11.43 0.64 -6.31
CA LEU B 45 11.86 1.73 -7.15
C LEU B 45 12.47 1.23 -8.45
N GLU B 46 12.15 1.91 -9.56
CA GLU B 46 12.69 1.64 -10.87
C GLU B 46 13.13 2.95 -11.53
N TRP B 47 14.32 2.93 -12.10
CA TRP B 47 14.88 4.10 -12.74
C TRP B 47 14.42 4.20 -14.19
N ILE B 48 13.94 5.40 -14.53
CA ILE B 48 13.49 5.62 -15.89
C ILE B 48 14.58 6.22 -16.76
N GLY B 49 15.18 7.29 -16.27
CA GLY B 49 16.26 7.94 -16.98
C GLY B 49 16.62 9.27 -16.34
N LEU B 50 17.55 9.96 -16.98
CA LEU B 50 18.00 11.28 -16.58
C LEU B 50 18.12 12.18 -17.81
N ILE B 51 18.10 13.46 -17.52
CA ILE B 51 18.43 14.54 -18.41
C ILE B 51 19.43 15.46 -17.71
N ASP B 52 20.45 15.89 -18.44
CA ASP B 52 21.38 16.92 -18.01
C ASP B 52 20.87 18.28 -18.46
N PRO B 53 20.38 19.12 -17.56
CA PRO B 53 19.77 20.38 -18.01
C PRO B 53 20.75 21.38 -18.61
N SER B 54 22.05 21.17 -18.42
CA SER B 54 23.00 22.09 -19.04
C SER B 54 23.07 21.92 -20.55
N ASN B 55 22.78 20.71 -21.04
CA ASN B 55 22.89 20.46 -22.48
C ASN B 55 21.80 19.58 -23.07
N GLY B 56 20.79 19.20 -22.28
CA GLY B 56 19.69 18.41 -22.81
C GLY B 56 20.01 16.96 -23.05
N ARG B 57 21.25 16.53 -22.74
CA ARG B 57 21.61 15.14 -22.95
C ARG B 57 20.85 14.21 -22.00
N THR B 58 20.47 13.06 -22.54
CA THR B 58 19.76 12.05 -21.75
C THR B 58 20.42 10.67 -21.76
N ASN B 59 20.02 9.91 -20.74
CA ASN B 59 20.35 8.50 -20.63
C ASN B 59 19.10 7.78 -20.11
N PHE B 60 18.65 6.74 -20.79
CA PHE B 60 17.43 6.04 -20.42
C PHE B 60 17.65 4.56 -20.11
N ASN B 61 16.76 4.06 -19.28
CA ASN B 61 16.50 2.65 -19.10
C ASN B 61 15.83 2.08 -20.34
N ASP B 62 16.43 1.08 -20.95
CA ASP B 62 15.98 0.48 -22.20
C ASP B 62 14.49 0.22 -22.17
N LYS B 63 14.06 -0.25 -21.00
CA LYS B 63 12.66 -0.52 -20.77
C LYS B 63 11.76 0.68 -21.02
N PHE B 64 12.29 1.91 -20.99
CA PHE B 64 11.45 3.08 -21.22
C PHE B 64 11.83 3.90 -22.44
N LYS B 65 12.87 3.53 -23.15
CA LYS B 65 13.38 4.30 -24.28
C LYS B 65 12.33 4.63 -25.33
N SER B 66 11.51 3.65 -25.67
CA SER B 66 10.51 3.70 -26.71
C SER B 66 9.31 4.58 -26.40
N ARG B 67 9.15 5.03 -25.16
CA ARG B 67 7.95 5.76 -24.83
C ARG B 67 8.15 6.97 -23.90
N ALA B 68 9.34 7.24 -23.38
CA ALA B 68 9.56 8.37 -22.50
C ALA B 68 10.40 9.44 -23.21
N THR B 69 10.02 10.68 -23.03
CA THR B 69 10.61 11.93 -23.46
C THR B 69 10.92 12.84 -22.28
N LEU B 70 12.18 13.23 -22.18
CA LEU B 70 12.61 14.11 -21.12
C LEU B 70 13.05 15.43 -21.72
N THR B 71 12.56 16.50 -21.13
CA THR B 71 12.92 17.85 -21.52
C THR B 71 13.12 18.72 -20.27
N VAL B 72 13.66 19.90 -20.51
CA VAL B 72 13.74 20.93 -19.50
C VAL B 72 13.41 22.32 -20.08
N ASP B 73 13.04 23.20 -19.18
CA ASP B 73 12.84 24.61 -19.43
C ASP B 73 13.72 25.38 -18.47
N THR B 74 14.92 25.74 -18.96
CA THR B 74 15.85 26.37 -18.00
C THR B 74 15.33 27.69 -17.50
N SER B 75 14.40 28.29 -18.23
CA SER B 75 13.98 29.63 -17.79
C SER B 75 13.13 29.50 -16.54
N SER B 76 12.39 28.39 -16.43
CA SER B 76 11.57 28.22 -15.24
C SER B 76 12.15 27.14 -14.32
N SER B 77 13.34 26.63 -14.61
CA SER B 77 13.95 25.63 -13.74
C SER B 77 13.00 24.45 -13.54
N THR B 78 12.37 24.04 -14.64
CA THR B 78 11.47 22.89 -14.61
C THR B 78 11.89 21.77 -15.53
N ALA B 79 11.86 20.55 -14.97
CA ALA B 79 12.12 19.39 -15.81
C ALA B 79 10.78 18.71 -16.10
N TYR B 80 10.65 18.10 -17.27
CA TYR B 80 9.46 17.37 -17.66
C TYR B 80 9.76 15.95 -18.12
N MET B 81 8.82 15.06 -17.81
CA MET B 81 8.84 13.70 -18.29
C MET B 81 7.50 13.40 -18.96
N GLN B 82 7.56 13.09 -20.24
CA GLN B 82 6.39 12.64 -20.99
C GLN B 82 6.47 11.14 -21.19
N LEU B 83 5.40 10.41 -20.87
CA LEU B 83 5.33 8.97 -21.03
C LEU B 83 4.10 8.65 -21.86
N SER B 84 4.24 7.96 -22.95
CA SER B 84 3.12 7.68 -23.83
C SER B 84 2.70 6.22 -23.90
N SER B 85 1.59 6.05 -24.60
CA SER B 85 1.00 4.72 -24.78
C SER B 85 0.84 4.02 -23.45
N LEU B 86 0.15 4.70 -22.54
CA LEU B 86 0.06 4.20 -21.17
C LEU B 86 -0.89 3.01 -21.03
N THR B 87 -0.54 2.12 -20.10
CA THR B 87 -1.37 1.00 -19.73
C THR B 87 -1.43 0.97 -18.20
N SER B 88 -2.25 0.05 -17.69
CA SER B 88 -2.35 -0.11 -16.25
C SER B 88 -1.00 -0.36 -15.59
N GLU B 89 -0.04 -0.92 -16.35
CA GLU B 89 1.28 -1.15 -15.77
C GLU B 89 2.04 0.12 -15.49
N ASP B 90 1.54 1.25 -15.97
CA ASP B 90 2.20 2.52 -15.78
C ASP B 90 1.57 3.28 -14.61
N SER B 91 0.57 2.69 -13.96
CA SER B 91 0.03 3.30 -12.74
C SER B 91 1.12 3.23 -11.66
N ALA B 92 1.49 4.37 -11.12
CA ALA B 92 2.62 4.40 -10.20
C ALA B 92 2.83 5.82 -9.66
N VAL B 93 3.59 5.94 -8.60
CA VAL B 93 4.16 7.22 -8.22
C VAL B 93 5.42 7.47 -9.02
N TYR B 94 5.54 8.66 -9.56
CA TYR B 94 6.74 9.06 -10.29
C TYR B 94 7.44 10.17 -9.52
N TYR B 95 8.72 10.00 -9.26
CA TYR B 95 9.57 10.96 -8.57
C TYR B 95 10.60 11.57 -9.52
N CYS B 96 10.83 12.86 -9.34
CA CYS B 96 12.01 13.48 -9.92
C CYS B 96 13.04 13.52 -8.79
N VAL B 97 14.30 13.38 -9.10
CA VAL B 97 15.40 13.20 -8.17
C VAL B 97 16.69 13.81 -8.72
N ARG B 98 17.39 14.52 -7.84
CA ARG B 98 18.76 14.88 -8.13
C ARG B 98 19.59 14.39 -6.93
N ILE B 99 20.90 14.35 -7.08
CA ILE B 99 21.75 13.91 -5.96
C ILE B 99 21.35 14.57 -4.64
N ALA B 100 21.11 13.73 -3.64
CA ALA B 100 20.81 14.08 -2.27
C ALA B 100 19.38 14.56 -2.06
N TYR B 101 18.58 14.86 -3.10
CA TYR B 101 17.25 15.41 -2.93
C TYR B 101 16.19 14.75 -3.80
N TRP B 102 15.19 14.17 -3.16
CA TRP B 102 14.09 13.46 -3.80
C TRP B 102 12.78 14.26 -3.75
N GLY B 103 12.08 14.31 -4.87
CA GLY B 103 10.78 14.98 -4.88
C GLY B 103 9.77 14.16 -4.09
N GLN B 104 8.62 14.74 -3.80
CA GLN B 104 7.53 14.09 -3.09
C GLN B 104 6.83 13.03 -3.94
N GLY B 105 6.96 13.08 -5.26
CA GLY B 105 6.30 12.22 -6.19
C GLY B 105 4.91 12.65 -6.59
N THR B 106 4.48 12.19 -7.75
CA THR B 106 3.20 12.40 -8.39
C THR B 106 2.52 11.04 -8.63
N LEU B 107 1.29 10.86 -8.18
CA LEU B 107 0.64 9.59 -8.37
C LEU B 107 -0.16 9.62 -9.68
N VAL B 108 0.21 8.73 -10.59
CA VAL B 108 -0.44 8.59 -11.88
C VAL B 108 -1.27 7.30 -11.92
N THR B 109 -2.55 7.46 -12.24
CA THR B 109 -3.44 6.29 -12.35
C THR B 109 -3.94 6.20 -13.78
N VAL B 110 -3.70 5.05 -14.43
CA VAL B 110 -4.16 4.78 -15.79
C VAL B 110 -5.40 3.92 -15.73
N SER B 111 -6.48 4.46 -16.29
CA SER B 111 -7.78 3.82 -16.17
C SER B 111 -8.77 4.30 -17.20
N SER B 112 -9.56 3.41 -17.81
CA SER B 112 -10.69 3.87 -18.63
C SER B 112 -12.00 4.02 -17.89
N ALA B 113 -12.04 3.76 -16.60
CA ALA B 113 -13.20 3.92 -15.75
C ALA B 113 -13.64 5.37 -15.61
N SER B 114 -14.94 5.53 -15.39
CA SER B 114 -15.57 6.80 -15.18
C SER B 114 -15.88 7.00 -13.70
N THR B 115 -15.92 8.24 -13.29
CA THR B 115 -16.27 8.63 -11.93
C THR B 115 -17.60 8.02 -11.53
N LYS B 116 -17.60 7.49 -10.32
CA LYS B 116 -18.72 6.79 -9.73
C LYS B 116 -18.59 6.78 -8.21
N GLY B 117 -19.66 7.27 -7.58
CA GLY B 117 -19.68 7.25 -6.12
C GLY B 117 -19.99 5.83 -5.66
N PRO B 118 -19.65 5.56 -4.41
CA PRO B 118 -19.80 4.21 -3.87
C PRO B 118 -21.24 3.82 -3.50
N SER B 119 -21.48 2.52 -3.52
CA SER B 119 -22.59 1.87 -2.84
C SER B 119 -22.04 1.43 -1.49
N VAL B 120 -22.70 1.78 -0.40
CA VAL B 120 -22.29 1.45 0.97
C VAL B 120 -23.24 0.40 1.55
N PHE B 121 -22.66 -0.74 1.86
CA PHE B 121 -23.43 -1.92 2.27
C PHE B 121 -23.08 -2.21 3.72
N PRO B 122 -24.04 -2.62 4.51
CA PRO B 122 -23.68 -2.97 5.89
C PRO B 122 -23.03 -4.35 6.00
N LEU B 123 -22.04 -4.47 6.85
CA LEU B 123 -21.44 -5.70 7.36
C LEU B 123 -22.06 -5.85 8.76
N ALA B 124 -23.22 -6.47 8.83
CA ALA B 124 -24.05 -6.41 10.03
C ALA B 124 -23.55 -7.30 11.15
N PRO B 125 -23.60 -6.87 12.39
CA PRO B 125 -23.09 -7.74 13.48
C PRO B 125 -23.93 -9.01 13.57
N SER B 126 -23.31 -10.17 13.69
CA SER B 126 -24.06 -11.41 13.89
C SER B 126 -23.30 -12.39 14.80
N SER B 127 -23.97 -13.48 15.15
CA SER B 127 -23.44 -14.59 15.92
C SER B 127 -22.20 -15.18 15.26
N LYS B 128 -22.22 -15.10 13.93
CA LYS B 128 -21.12 -15.54 13.09
C LYS B 128 -20.07 -14.43 13.01
N SER B 129 -20.32 -13.37 13.78
CA SER B 129 -19.47 -12.21 13.90
C SER B 129 -19.37 -11.72 15.34
N THR B 130 -19.33 -12.64 16.31
CA THR B 130 -19.34 -12.19 17.70
C THR B 130 -18.44 -13.05 18.58
N SER B 131 -17.21 -12.58 18.73
CA SER B 131 -16.19 -13.26 19.53
C SER B 131 -16.40 -12.98 21.01
N GLY B 132 -17.11 -13.90 21.67
CA GLY B 132 -17.32 -13.80 23.10
C GLY B 132 -18.20 -12.63 23.46
N GLY B 133 -17.60 -11.64 24.14
CA GLY B 133 -18.39 -10.45 24.47
C GLY B 133 -18.30 -9.39 23.39
N THR B 134 -17.51 -9.67 22.37
CA THR B 134 -17.19 -8.75 21.29
C THR B 134 -17.82 -9.10 19.95
N ALA B 135 -18.43 -8.12 19.32
CA ALA B 135 -19.06 -8.23 18.01
C ALA B 135 -18.28 -7.40 17.02
N ALA B 136 -18.19 -7.86 15.77
CA ALA B 136 -17.56 -7.04 14.75
C ALA B 136 -18.65 -6.51 13.83
N LEU B 137 -18.52 -5.27 13.38
CA LEU B 137 -19.50 -4.73 12.43
C LEU B 137 -18.75 -3.82 11.48
N GLY B 138 -19.37 -3.46 10.36
CA GLY B 138 -18.62 -2.67 9.38
C GLY B 138 -19.49 -2.16 8.25
N CYS B 139 -18.82 -1.54 7.29
CA CYS B 139 -19.35 -1.05 6.04
C CYS B 139 -18.45 -1.46 4.86
N LEU B 140 -19.07 -1.98 3.82
CA LEU B 140 -18.44 -2.32 2.56
C LEU B 140 -18.74 -1.19 1.57
N VAL B 141 -17.70 -0.46 1.21
CA VAL B 141 -17.76 0.70 0.30
C VAL B 141 -17.34 0.22 -1.08
N LYS B 142 -18.32 -0.11 -1.91
CA LYS B 142 -18.05 -0.84 -3.14
C LYS B 142 -18.30 -0.05 -4.43
N ASP B 143 -17.48 -0.30 -5.44
CA ASP B 143 -17.74 0.11 -6.80
C ASP B 143 -17.66 1.62 -6.96
N TYR B 144 -16.53 2.20 -6.55
CA TYR B 144 -16.36 3.65 -6.68
C TYR B 144 -15.10 3.88 -7.51
N PHE B 145 -15.03 5.08 -8.07
CA PHE B 145 -13.87 5.49 -8.86
C PHE B 145 -13.85 7.01 -8.93
N PRO B 146 -12.66 7.62 -8.88
CA PRO B 146 -11.39 7.06 -8.52
C PRO B 146 -11.23 7.06 -6.99
N GLU B 147 -10.07 6.67 -6.52
CA GLU B 147 -9.65 6.88 -5.15
C GLU B 147 -9.57 8.38 -4.90
N PRO B 148 -9.64 8.82 -3.65
CA PRO B 148 -9.89 8.01 -2.47
C PRO B 148 -11.26 8.20 -1.85
N VAL B 149 -11.46 7.31 -0.87
CA VAL B 149 -12.53 7.35 0.10
C VAL B 149 -11.93 7.46 1.50
N THR B 150 -12.64 8.18 2.37
CA THR B 150 -12.39 8.24 3.79
C THR B 150 -13.61 7.70 4.54
N VAL B 151 -13.32 7.02 5.65
CA VAL B 151 -14.40 6.55 6.49
C VAL B 151 -14.17 6.97 7.94
N SER B 152 -15.26 7.42 8.54
CA SER B 152 -15.27 7.60 9.99
C SER B 152 -16.51 6.91 10.56
N TRP B 153 -16.51 6.82 11.89
CA TRP B 153 -17.56 6.19 12.65
C TRP B 153 -18.05 7.16 13.73
N ASN B 154 -19.33 7.42 13.76
CA ASN B 154 -19.94 8.27 14.79
C ASN B 154 -19.14 9.55 14.92
N SER B 155 -18.90 10.05 13.71
CA SER B 155 -18.31 11.32 13.41
C SER B 155 -16.93 11.49 14.02
N GLY B 156 -16.29 10.34 14.21
CA GLY B 156 -14.93 10.31 14.72
C GLY B 156 -14.93 10.22 16.23
N ALA B 157 -16.12 10.17 16.80
CA ALA B 157 -16.35 9.87 18.21
C ALA B 157 -15.96 8.41 18.54
N LEU B 158 -16.21 7.54 17.57
CA LEU B 158 -15.79 6.14 17.64
C LEU B 158 -14.54 5.88 16.80
N THR B 159 -13.42 5.65 17.45
CA THR B 159 -12.10 5.45 16.88
C THR B 159 -11.39 4.21 17.39
N SER B 160 -11.61 3.79 18.64
CA SER B 160 -10.90 2.64 19.18
C SER B 160 -11.43 1.36 18.55
N GLY B 161 -10.58 0.48 18.08
CA GLY B 161 -11.12 -0.73 17.45
C GLY B 161 -11.47 -0.55 15.99
N VAL B 162 -11.37 0.66 15.44
CA VAL B 162 -11.70 0.85 14.02
C VAL B 162 -10.54 0.40 13.16
N HIS B 163 -10.88 -0.29 12.09
CA HIS B 163 -9.90 -0.62 11.07
C HIS B 163 -10.54 -0.33 9.71
N THR B 164 -9.97 0.65 9.03
CA THR B 164 -10.37 1.01 7.67
C THR B 164 -9.28 0.53 6.72
N PHE B 165 -9.62 -0.40 5.85
CA PHE B 165 -8.63 -1.12 5.04
C PHE B 165 -8.28 -0.42 3.74
N PRO B 166 -7.09 -0.69 3.23
CA PRO B 166 -6.72 -0.18 1.90
C PRO B 166 -7.75 -0.71 0.91
N ALA B 167 -8.14 0.11 -0.06
CA ALA B 167 -9.05 -0.42 -1.05
C ALA B 167 -8.38 -1.44 -1.96
N VAL B 168 -9.19 -2.29 -2.59
CA VAL B 168 -8.68 -3.11 -3.68
C VAL B 168 -9.30 -2.62 -5.00
N LEU B 169 -8.54 -2.84 -6.06
CA LEU B 169 -9.00 -2.59 -7.42
C LEU B 169 -9.55 -3.90 -7.97
N GLN B 170 -10.85 -3.87 -8.23
CA GLN B 170 -11.58 -5.01 -8.73
C GLN B 170 -11.37 -5.16 -10.23
N SER B 171 -11.69 -6.32 -10.78
CA SER B 171 -11.48 -6.59 -12.22
C SER B 171 -12.30 -5.65 -13.09
N SER B 172 -13.38 -5.09 -12.54
CA SER B 172 -14.29 -4.16 -13.18
C SER B 172 -13.68 -2.79 -13.42
N GLY B 173 -12.55 -2.57 -12.75
CA GLY B 173 -11.94 -1.25 -12.74
C GLY B 173 -12.42 -0.30 -11.66
N LEU B 174 -13.38 -0.73 -10.85
CA LEU B 174 -13.84 0.07 -9.72
C LEU B 174 -13.20 -0.41 -8.42
N TYR B 175 -13.11 0.43 -7.40
CA TYR B 175 -12.50 0.10 -6.12
C TYR B 175 -13.53 -0.38 -5.10
N SER B 176 -13.05 -1.15 -4.12
CA SER B 176 -13.89 -1.60 -3.00
C SER B 176 -13.05 -1.59 -1.73
N LEU B 177 -13.68 -1.09 -0.66
CA LEU B 177 -12.94 -0.93 0.60
C LEU B 177 -13.85 -1.37 1.73
N SER B 178 -13.31 -1.92 2.81
CA SER B 178 -14.09 -2.11 3.99
C SER B 178 -13.53 -1.32 5.17
N SER B 179 -14.43 -1.05 6.10
CA SER B 179 -14.15 -0.40 7.37
C SER B 179 -14.95 -1.15 8.44
N VAL B 180 -14.23 -1.60 9.45
CA VAL B 180 -14.85 -2.40 10.50
C VAL B 180 -14.54 -1.75 11.85
N VAL B 181 -15.36 -2.13 12.81
CA VAL B 181 -15.04 -1.79 14.20
C VAL B 181 -15.47 -2.95 15.10
N THR B 182 -14.75 -3.20 16.18
CA THR B 182 -15.22 -4.18 17.14
C THR B 182 -15.81 -3.43 18.34
N VAL B 183 -16.96 -3.92 18.81
CA VAL B 183 -17.70 -3.26 19.89
C VAL B 183 -18.30 -4.29 20.84
N PRO B 184 -18.78 -3.90 22.01
CA PRO B 184 -19.36 -4.94 22.88
C PRO B 184 -20.65 -5.47 22.31
N SER B 185 -20.81 -6.79 22.29
CA SER B 185 -22.09 -7.32 21.77
C SER B 185 -23.24 -6.74 22.59
N SER B 186 -23.04 -6.40 23.87
CA SER B 186 -24.11 -5.83 24.67
C SER B 186 -24.52 -4.39 24.33
N SER B 187 -23.77 -3.66 23.52
CA SER B 187 -24.13 -2.31 23.15
C SER B 187 -25.05 -2.26 21.94
N LEU B 188 -25.24 -3.38 21.27
CA LEU B 188 -25.96 -3.40 20.00
C LEU B 188 -27.43 -3.01 20.16
N GLY B 189 -27.92 -2.90 21.39
CA GLY B 189 -29.29 -2.55 21.67
C GLY B 189 -29.43 -1.18 22.28
N THR B 190 -28.31 -0.60 22.69
CA THR B 190 -28.36 0.73 23.26
C THR B 190 -27.69 1.77 22.37
N GLN B 191 -26.84 1.33 21.45
CA GLN B 191 -26.08 2.33 20.70
C GLN B 191 -26.17 2.11 19.20
N THR B 192 -26.27 3.23 18.49
CA THR B 192 -26.36 3.22 17.04
C THR B 192 -24.98 3.33 16.43
N TYR B 193 -24.79 2.61 15.31
CA TYR B 193 -23.50 2.60 14.65
C TYR B 193 -23.62 3.10 13.21
N ILE B 194 -22.88 4.18 12.94
CA ILE B 194 -23.02 4.72 11.58
C ILE B 194 -21.68 4.97 10.96
N CYS B 195 -21.46 4.47 9.74
CA CYS B 195 -20.20 4.77 9.07
C CYS B 195 -20.36 6.04 8.24
N ASN B 196 -19.39 6.94 8.39
CA ASN B 196 -19.40 8.19 7.62
C ASN B 196 -18.42 8.07 6.46
N VAL B 197 -18.96 7.92 5.26
CA VAL B 197 -18.24 7.70 4.03
C VAL B 197 -18.24 8.93 3.09
N ASN B 198 -17.02 9.38 2.81
CA ASN B 198 -16.88 10.51 1.91
C ASN B 198 -15.95 10.14 0.75
N HIS B 199 -16.46 10.32 -0.45
CA HIS B 199 -15.76 10.17 -1.72
C HIS B 199 -15.53 11.57 -2.27
N LYS B 200 -14.41 12.20 -1.86
CA LYS B 200 -14.18 13.55 -2.37
C LYS B 200 -14.16 13.60 -3.89
N PRO B 201 -13.53 12.67 -4.61
CA PRO B 201 -13.50 12.88 -6.07
C PRO B 201 -14.85 12.96 -6.74
N SER B 202 -15.93 12.57 -6.08
CA SER B 202 -17.26 12.75 -6.66
C SER B 202 -18.11 13.64 -5.74
N ASN B 203 -17.44 14.27 -4.79
CA ASN B 203 -18.05 15.10 -3.75
C ASN B 203 -19.25 14.42 -3.11
N THR B 204 -19.09 13.12 -2.88
CA THR B 204 -20.23 12.35 -2.35
C THR B 204 -19.97 11.94 -0.91
N LYS B 205 -20.97 12.15 -0.05
CA LYS B 205 -20.92 11.65 1.31
C LYS B 205 -22.07 10.66 1.52
N VAL B 206 -21.77 9.56 2.21
CA VAL B 206 -22.83 8.60 2.55
C VAL B 206 -22.68 8.28 4.04
N ASP B 207 -23.79 8.27 4.75
CA ASP B 207 -23.87 7.93 6.17
C ASP B 207 -24.83 6.76 6.31
N LYS B 208 -24.34 5.57 6.72
CA LYS B 208 -25.15 4.37 6.70
C LYS B 208 -25.15 3.71 8.09
N LYS B 209 -26.37 3.46 8.54
CA LYS B 209 -26.52 2.85 9.87
C LYS B 209 -26.39 1.34 9.72
N VAL B 210 -25.64 0.77 10.63
CA VAL B 210 -25.28 -0.64 10.58
C VAL B 210 -25.98 -1.34 11.74
N GLU B 211 -26.92 -2.19 11.35
CA GLU B 211 -27.82 -2.74 12.35
C GLU B 211 -27.73 -4.25 12.45
N PRO B 212 -27.90 -4.75 13.67
CA PRO B 212 -28.16 -6.19 13.80
C PRO B 212 -29.59 -6.48 13.32
N LYS B 213 -30.52 -5.88 14.02
CA LYS B 213 -31.97 -5.98 14.02
C LYS B 213 -32.40 -7.46 13.99
N SER B 214 -33.69 -7.72 13.87
CA SER B 214 -34.32 -9.02 13.93
C SER B 214 -33.51 -10.10 13.22
N CYS B 215 -33.22 -9.90 11.93
CA CYS B 215 -32.46 -10.87 11.16
C CYS B 215 -32.34 -10.44 9.70
#